data_6NSR
#
_entry.id   6NSR
#
_cell.length_a   63.517
_cell.length_b   165.569
_cell.length_c   81.529
_cell.angle_alpha   90.000
_cell.angle_beta   90.000
_cell.angle_gamma   90.000
#
_symmetry.space_group_name_H-M   'P 21 21 2'
#
loop_
_entity.id
_entity.type
_entity.pdbx_description
1 polymer CifR
2 polymer 'DNA (26-MER)'
3 polymer 'DNA (26-MER)'
#
loop_
_entity_poly.entity_id
_entity_poly.type
_entity_poly.pdbx_seq_one_letter_code
_entity_poly.pdbx_strand_id
1 'polypeptide(L)'
;GP(MSE)ATRGRPRAFDRDTALQRA(MSE)DVFWVRGYEGASLAALTEA(MSE)EIRPPSLYAAFGSKEGLFREALAHYL
GQHGRYRRDVLDGAPSAREGVAELLRETVARFTSDEFPRGCLVVLAALTGTPESEAVRDALSAERGESIRLFRER(MSE)
RRGIADGDLAADTD(MSE)EELATFYATVLFGLSVQAKDRVPRERLLAVVERALRAWP
;
A,B,E
2 'polydeoxyribonucleotide'
;(DT)(DT)(DA)(DT)(DT)(DT)(DG)(DT)(DA)(DT)(DC)(DG)(DA)(DT)(DC)(DA)(DC)(DT)(DA)(DT)
(DA)(DA)(DA)(DT)(DT)(DT)
;
C
3 'polydeoxyribonucleotide'
;(DA)(DA)(DA)(DT)(DT)(DT)(DA)(DT)(DA)(DG)(DT)(DG)(DA)(DT)(DC)(DG)(DA)(DT)(DA)(DC)
(DA)(DA)(DA)(DT)(DA)(DA)
;
D
#
# COMPACT_ATOMS: atom_id res chain seq x y z
N GLY A 7 45.34 7.06 -29.23
CA GLY A 7 45.07 7.97 -28.12
C GLY A 7 45.51 7.43 -26.78
N ARG A 8 45.21 8.16 -25.71
CA ARG A 8 45.57 7.73 -24.38
C ARG A 8 44.79 6.45 -24.03
N PRO A 9 45.44 5.46 -23.43
CA PRO A 9 44.73 4.24 -23.05
C PRO A 9 43.72 4.51 -21.94
N ARG A 10 42.60 3.81 -22.01
CA ARG A 10 41.54 3.97 -21.01
C ARG A 10 42.02 3.41 -19.68
N ALA A 11 41.82 4.19 -18.62
CA ALA A 11 42.31 3.84 -17.28
C ALA A 11 41.26 3.18 -16.41
N PHE A 12 40.19 2.66 -17.00
CA PHE A 12 39.17 1.97 -16.24
C PHE A 12 38.53 0.88 -17.10
N ASP A 13 38.07 -0.17 -16.43
CA ASP A 13 37.39 -1.25 -17.14
C ASP A 13 35.99 -0.81 -17.53
N ARG A 14 35.67 -0.91 -18.82
CA ARG A 14 34.38 -0.42 -19.31
C ARG A 14 33.25 -1.32 -18.82
N ASP A 15 33.45 -2.63 -18.83
CA ASP A 15 32.37 -3.54 -18.44
C ASP A 15 32.11 -3.46 -16.94
N THR A 16 33.15 -3.25 -16.14
CA THR A 16 32.96 -3.10 -14.71
C THR A 16 32.18 -1.82 -14.39
N ALA A 17 32.52 -0.72 -15.07
CA ALA A 17 31.76 0.50 -14.93
C ALA A 17 30.31 0.31 -15.37
N LEU A 18 30.10 -0.45 -16.45
CA LEU A 18 28.74 -0.76 -16.88
C LEU A 18 27.97 -1.52 -15.80
N GLN A 19 28.60 -2.51 -15.18
CA GLN A 19 27.93 -3.29 -14.14
C GLN A 19 27.57 -2.40 -12.95
N ARG A 20 28.48 -1.51 -12.55
CA ARG A 20 28.21 -0.67 -11.39
C ARG A 20 27.14 0.37 -11.71
N ALA A 21 27.14 0.88 -12.93
CA ALA A 21 26.09 1.81 -13.36
C ALA A 21 24.74 1.10 -13.41
N ASP A 23 23.83 -1.46 -11.48
CA ASP A 23 23.35 -1.61 -10.12
C ASP A 23 22.68 -0.34 -9.61
N VAL A 24 23.29 0.82 -9.86
CA VAL A 24 22.70 2.09 -9.44
C VAL A 24 21.32 2.26 -10.07
N PHE A 25 21.19 1.95 -11.36
CA PHE A 25 19.89 1.98 -12.01
C PHE A 25 18.92 1.00 -11.38
N TRP A 26 19.37 -0.25 -11.20
CA TRP A 26 18.56 -1.29 -10.56
C TRP A 26 17.93 -0.83 -9.26
N VAL A 27 18.61 0.00 -8.51
CA VAL A 27 18.06 0.45 -7.26
C VAL A 27 17.37 1.80 -7.30
N ARG A 28 17.89 2.77 -8.01
CA ARG A 28 17.25 4.07 -7.96
C ARG A 28 16.41 4.36 -9.15
N GLY A 29 16.52 3.55 -10.16
CA GLY A 29 15.72 3.78 -11.33
C GLY A 29 16.45 4.62 -12.34
N TYR A 30 15.96 4.73 -13.55
CA TYR A 30 16.64 5.54 -14.49
C TYR A 30 16.75 6.95 -14.02
N GLU A 31 15.66 7.59 -13.69
CA GLU A 31 15.76 9.00 -13.34
C GLU A 31 16.29 9.22 -11.92
N GLY A 32 15.99 8.31 -10.99
CA GLY A 32 16.51 8.45 -9.64
C GLY A 32 18.01 8.35 -9.55
N ALA A 33 18.64 7.69 -10.52
CA ALA A 33 20.08 7.53 -10.53
C ALA A 33 20.69 8.80 -11.11
N SER A 34 21.28 9.63 -10.26
CA SER A 34 21.88 10.86 -10.71
C SER A 34 23.29 10.61 -11.25
N LEU A 35 23.80 11.60 -12.00
CA LEU A 35 25.18 11.52 -12.49
C LEU A 35 26.17 11.45 -11.34
N ALA A 36 25.87 12.13 -10.24
CA ALA A 36 26.75 12.05 -9.07
C ALA A 36 26.81 10.64 -8.53
N ALA A 37 25.65 10.03 -8.28
CA ALA A 37 25.62 8.66 -7.76
C ALA A 37 26.23 7.68 -8.74
N LEU A 38 26.04 7.91 -10.05
CA LEU A 38 26.64 7.03 -11.05
C LEU A 38 28.16 7.12 -11.03
N THR A 39 28.70 8.34 -11.08
CA THR A 39 30.15 8.50 -11.12
C THR A 39 30.81 8.02 -9.83
N GLU A 40 30.15 8.23 -8.69
CA GLU A 40 30.74 7.79 -7.43
C GLU A 40 30.77 6.27 -7.33
N ALA A 41 29.84 5.59 -7.99
CA ALA A 41 29.80 4.13 -7.97
C ALA A 41 30.70 3.51 -9.02
N GLU A 43 33.31 4.85 -10.04
CA GLU A 43 34.64 5.33 -9.67
C GLU A 43 35.34 6.03 -10.84
N ILE A 44 34.55 6.75 -11.64
CA ILE A 44 35.06 7.57 -12.73
C ILE A 44 34.51 8.98 -12.58
N ARG A 45 34.91 9.85 -13.49
CA ARG A 45 34.52 11.26 -13.49
C ARG A 45 33.64 11.56 -14.69
N PRO A 46 32.79 12.59 -14.60
CA PRO A 46 31.79 12.83 -15.65
C PRO A 46 32.38 12.91 -17.04
N PRO A 47 33.51 13.62 -17.25
CA PRO A 47 34.06 13.63 -18.62
C PRO A 47 34.45 12.24 -19.12
N SER A 48 34.98 11.39 -18.24
CA SER A 48 35.29 10.02 -18.64
C SER A 48 34.02 9.26 -19.01
N LEU A 49 32.94 9.49 -18.27
CA LEU A 49 31.65 8.85 -18.58
C LEU A 49 31.22 9.19 -20.00
N TYR A 50 31.04 10.48 -20.28
CA TYR A 50 30.50 10.92 -21.56
C TYR A 50 31.43 10.59 -22.72
N ALA A 51 32.65 10.23 -22.39
CA ALA A 51 33.61 9.80 -23.35
C ALA A 51 33.17 8.47 -23.86
N ALA A 52 32.91 7.60 -22.92
CA ALA A 52 32.61 6.22 -23.21
C ALA A 52 31.20 6.02 -23.65
N PHE A 53 30.26 6.47 -22.83
CA PHE A 53 28.90 6.09 -23.02
C PHE A 53 28.03 7.02 -23.79
N GLY A 54 28.23 8.31 -23.64
CA GLY A 54 27.54 9.26 -24.48
C GLY A 54 26.54 10.13 -23.77
N SER A 55 25.91 9.60 -22.75
CA SER A 55 25.01 10.39 -21.96
C SER A 55 24.33 9.47 -21.03
N LYS A 56 23.58 10.03 -20.08
CA LYS A 56 22.85 9.22 -19.12
C LYS A 56 21.92 8.24 -19.83
N GLU A 57 21.23 8.72 -20.86
CA GLU A 57 20.32 7.88 -21.63
C GLU A 57 21.08 6.74 -22.28
N GLY A 58 22.20 7.05 -22.92
CA GLY A 58 23.02 6.06 -23.57
C GLY A 58 23.66 5.10 -22.59
N LEU A 59 24.13 5.61 -21.45
CA LEU A 59 24.64 4.73 -20.40
C LEU A 59 23.58 3.75 -19.94
N PHE A 60 22.32 4.21 -19.82
CA PHE A 60 21.27 3.31 -19.37
C PHE A 60 20.96 2.25 -20.42
N ARG A 61 21.03 2.61 -21.70
CA ARG A 61 20.75 1.66 -22.76
C ARG A 61 21.84 0.60 -22.83
N GLU A 62 23.08 0.97 -22.54
CA GLU A 62 24.17 0.00 -22.48
C GLU A 62 24.03 -0.87 -21.25
N ALA A 63 23.63 -0.27 -20.13
CA ALA A 63 23.45 -1.03 -18.89
C ALA A 63 22.25 -1.96 -18.97
N LEU A 64 21.19 -1.54 -19.67
CA LEU A 64 20.04 -2.43 -19.85
C LEU A 64 20.40 -3.59 -20.77
N ALA A 65 21.15 -3.31 -21.84
CA ALA A 65 21.62 -4.39 -22.71
C ALA A 65 22.53 -5.34 -21.94
N HIS A 66 23.35 -4.80 -21.05
CA HIS A 66 24.22 -5.63 -20.23
C HIS A 66 23.41 -6.45 -19.22
N TYR A 67 22.36 -5.85 -18.66
CA TYR A 67 21.52 -6.55 -17.71
C TYR A 67 20.75 -7.69 -18.37
N LEU A 68 20.26 -7.46 -19.60
CA LEU A 68 19.52 -8.51 -20.31
C LEU A 68 20.42 -9.69 -20.68
N GLY A 69 21.71 -9.43 -20.92
CA GLY A 69 22.64 -10.48 -21.25
C GLY A 69 23.23 -11.21 -20.05
N GLN A 70 23.02 -10.69 -18.85
CA GLN A 70 23.54 -11.29 -17.64
C GLN A 70 22.46 -11.76 -16.67
N HIS A 71 21.34 -11.03 -16.56
CA HIS A 71 20.21 -11.45 -15.75
C HIS A 71 18.98 -11.77 -16.58
N GLY A 72 19.15 -11.98 -17.88
CA GLY A 72 18.04 -12.35 -18.73
C GLY A 72 18.35 -13.61 -19.52
N ARG A 73 19.59 -14.09 -19.37
CA ARG A 73 20.00 -15.32 -20.02
C ARG A 73 19.27 -16.52 -19.43
N TYR A 74 19.19 -16.59 -18.10
CA TYR A 74 18.57 -17.72 -17.42
C TYR A 74 17.10 -17.89 -17.80
N ARG A 75 16.42 -16.79 -18.14
CA ARG A 75 15.02 -16.87 -18.55
C ARG A 75 14.84 -17.83 -19.72
N ARG A 76 15.51 -17.55 -20.83
CA ARG A 76 15.39 -18.42 -22.01
C ARG A 76 16.03 -19.78 -21.75
N ASP A 77 17.09 -19.84 -20.95
CA ASP A 77 17.76 -21.11 -20.69
C ASP A 77 16.87 -22.09 -19.94
N VAL A 78 16.16 -21.62 -18.91
CA VAL A 78 15.30 -22.52 -18.15
C VAL A 78 13.98 -22.79 -18.87
N LEU A 79 13.53 -21.88 -19.73
CA LEU A 79 12.34 -22.14 -20.52
C LEU A 79 12.60 -23.24 -21.54
N ASP A 80 13.63 -23.09 -22.36
CA ASP A 80 13.93 -24.09 -23.37
C ASP A 80 14.58 -25.33 -22.81
N GLY A 81 15.07 -25.29 -21.57
CA GLY A 81 15.72 -26.42 -20.95
C GLY A 81 14.80 -27.35 -20.18
N ALA A 82 13.49 -27.15 -20.27
CA ALA A 82 12.54 -27.99 -19.56
C ALA A 82 11.83 -28.94 -20.50
N PRO A 83 11.43 -30.13 -20.04
CA PRO A 83 10.80 -31.09 -20.95
C PRO A 83 9.43 -30.66 -21.43
N SER A 84 8.70 -29.88 -20.65
CA SER A 84 7.37 -29.42 -21.02
C SER A 84 7.28 -27.90 -20.84
N ALA A 85 6.34 -27.30 -21.55
CA ALA A 85 6.15 -25.86 -21.45
C ALA A 85 5.69 -25.46 -20.06
N ARG A 86 4.85 -26.28 -19.43
CA ARG A 86 4.41 -26.00 -18.07
C ARG A 86 5.59 -26.00 -17.10
N GLU A 87 6.46 -27.01 -17.21
CA GLU A 87 7.64 -27.05 -16.36
C GLU A 87 8.62 -25.92 -16.71
N GLY A 88 8.64 -25.49 -17.97
CA GLY A 88 9.43 -24.32 -18.32
C GLY A 88 8.97 -23.09 -17.58
N VAL A 89 7.68 -22.78 -17.66
CA VAL A 89 7.12 -21.65 -16.94
C VAL A 89 7.32 -21.83 -15.43
N ALA A 90 7.15 -23.05 -14.95
CA ALA A 90 7.32 -23.34 -13.53
C ALA A 90 8.72 -22.99 -13.06
N GLU A 91 9.74 -23.58 -13.70
CA GLU A 91 11.11 -23.34 -13.28
C GLU A 91 11.54 -21.90 -13.51
N LEU A 92 11.03 -21.25 -14.55
CA LEU A 92 11.35 -19.84 -14.76
C LEU A 92 10.85 -19.00 -13.61
N LEU A 93 9.58 -19.18 -13.21
CA LEU A 93 9.03 -18.40 -12.12
C LEU A 93 9.72 -18.70 -10.80
N ARG A 94 10.08 -19.96 -10.57
CA ARG A 94 10.75 -20.32 -9.33
C ARG A 94 12.14 -19.70 -9.27
N GLU A 95 12.92 -19.82 -10.34
CA GLU A 95 14.25 -19.21 -10.38
C GLU A 95 14.17 -17.69 -10.35
N THR A 96 13.14 -17.11 -10.95
CA THR A 96 12.99 -15.67 -10.91
C THR A 96 12.67 -15.18 -9.50
N VAL A 97 11.90 -15.95 -8.74
CA VAL A 97 11.68 -15.62 -7.33
C VAL A 97 12.96 -15.79 -6.53
N ALA A 98 13.73 -16.84 -6.82
CA ALA A 98 15.00 -17.04 -6.13
C ALA A 98 15.94 -15.87 -6.34
N ARG A 99 15.97 -15.32 -7.55
CA ARG A 99 16.84 -14.18 -7.82
C ARG A 99 16.24 -12.87 -7.30
N PHE A 100 14.91 -12.73 -7.34
CA PHE A 100 14.27 -11.55 -6.77
C PHE A 100 14.48 -11.49 -5.26
N THR A 101 14.60 -12.63 -4.60
CA THR A 101 14.76 -12.70 -3.16
C THR A 101 16.16 -13.10 -2.73
N SER A 102 17.10 -13.17 -3.67
CA SER A 102 18.48 -13.47 -3.31
C SER A 102 19.13 -12.25 -2.65
N ASP A 103 20.12 -12.52 -1.80
CA ASP A 103 20.84 -11.46 -1.11
C ASP A 103 22.00 -10.92 -1.92
N GLU A 104 22.25 -11.48 -3.11
CA GLU A 104 23.35 -11.02 -3.96
C GLU A 104 22.95 -9.90 -4.91
N PHE A 105 21.67 -9.80 -5.26
CA PHE A 105 21.20 -8.87 -6.26
C PHE A 105 20.12 -7.96 -5.67
N PRO A 106 19.92 -6.78 -6.25
CA PRO A 106 18.78 -5.96 -5.84
C PRO A 106 17.46 -6.68 -6.06
N ARG A 107 16.48 -6.35 -5.22
CA ARG A 107 15.18 -7.00 -5.28
C ARG A 107 14.41 -6.52 -6.50
N GLY A 108 13.75 -7.46 -7.17
CA GLY A 108 12.92 -7.15 -8.32
C GLY A 108 13.70 -7.10 -9.62
N CYS A 109 12.95 -6.98 -10.72
CA CYS A 109 13.53 -6.91 -12.05
C CYS A 109 13.77 -5.46 -12.44
N LEU A 110 14.93 -5.21 -13.03
CA LEU A 110 15.28 -3.85 -13.44
C LEU A 110 14.31 -3.33 -14.48
N VAL A 111 13.92 -4.19 -15.44
CA VAL A 111 13.04 -3.76 -16.53
C VAL A 111 11.70 -3.27 -16.00
N VAL A 112 11.23 -3.83 -14.89
CA VAL A 112 9.92 -3.45 -14.37
C VAL A 112 10.02 -2.24 -13.43
N LEU A 113 11.07 -2.17 -12.61
CA LEU A 113 11.15 -1.15 -11.57
C LEU A 113 11.84 0.13 -12.00
N ALA A 114 12.62 0.11 -13.08
CA ALA A 114 13.46 1.24 -13.44
C ALA A 114 12.67 2.49 -13.80
N ALA A 115 11.80 2.40 -14.82
CA ALA A 115 10.98 3.55 -15.20
C ALA A 115 9.59 3.14 -15.68
N LEU A 116 8.64 3.09 -14.75
CA LEU A 116 7.24 2.89 -15.13
C LEU A 116 6.58 4.23 -15.47
N THR A 117 6.80 5.24 -14.64
CA THR A 117 6.36 6.61 -14.86
C THR A 117 7.57 7.53 -14.78
N GLY A 118 7.35 8.81 -15.03
CA GLY A 118 8.42 9.78 -14.94
C GLY A 118 8.13 11.01 -15.77
N THR A 119 9.16 11.83 -15.91
CA THR A 119 9.06 13.06 -16.68
C THR A 119 8.91 12.73 -18.16
N PRO A 120 8.35 13.66 -18.94
CA PRO A 120 8.30 13.44 -20.40
C PRO A 120 9.66 13.26 -21.03
N GLU A 121 10.69 13.93 -20.51
CA GLU A 121 12.03 13.85 -21.08
C GLU A 121 12.51 12.41 -21.25
N SER A 122 12.10 11.52 -20.35
CA SER A 122 12.57 10.14 -20.34
C SER A 122 11.61 9.18 -21.04
N GLU A 123 10.60 9.71 -21.75
CA GLU A 123 9.59 8.86 -22.38
C GLU A 123 10.22 7.78 -23.27
N ALA A 124 11.33 8.10 -23.93
CA ALA A 124 12.06 7.10 -24.71
C ALA A 124 12.48 5.93 -23.84
N VAL A 125 13.27 6.20 -22.80
CA VAL A 125 13.71 5.16 -21.87
C VAL A 125 12.54 4.31 -21.42
N ARG A 126 11.49 4.96 -20.92
CA ARG A 126 10.28 4.27 -20.50
C ARG A 126 9.75 3.33 -21.59
N ASP A 127 9.50 3.88 -22.78
CA ASP A 127 9.01 3.06 -23.89
C ASP A 127 9.92 1.87 -24.15
N ALA A 128 11.25 2.10 -24.13
CA ALA A 128 12.20 1.02 -24.31
C ALA A 128 11.92 -0.13 -23.34
N LEU A 129 11.87 0.19 -22.03
CA LEU A 129 11.58 -0.82 -21.02
C LEU A 129 10.24 -1.50 -21.29
N SER A 130 9.23 -0.73 -21.67
CA SER A 130 7.93 -1.30 -22.02
C SER A 130 8.09 -2.37 -23.10
N ALA A 131 8.83 -2.05 -24.16
CA ALA A 131 9.09 -3.01 -25.23
C ALA A 131 9.67 -4.30 -24.66
N GLU A 132 10.65 -4.18 -23.76
CA GLU A 132 11.27 -5.36 -23.16
C GLU A 132 10.24 -6.19 -22.40
N ARG A 133 9.35 -5.52 -21.67
CA ARG A 133 8.28 -6.24 -20.98
C ARG A 133 7.42 -7.02 -21.98
N GLY A 134 7.14 -6.41 -23.14
CA GLY A 134 6.47 -7.14 -24.21
C GLY A 134 7.20 -8.41 -24.59
N GLU A 135 8.53 -8.35 -24.68
CA GLU A 135 9.32 -9.54 -24.99
C GLU A 135 9.08 -10.64 -23.96
N SER A 136 8.95 -10.26 -22.68
CA SER A 136 8.66 -11.25 -21.63
C SER A 136 7.42 -12.06 -21.95
N ILE A 137 6.43 -11.45 -22.60
CA ILE A 137 5.27 -12.20 -23.07
C ILE A 137 5.68 -13.12 -24.21
N ARG A 138 6.27 -12.55 -25.27
CA ARG A 138 6.60 -13.31 -26.45
C ARG A 138 7.45 -14.53 -26.12
N LEU A 139 8.47 -14.34 -25.26
CA LEU A 139 9.27 -15.46 -24.76
C LEU A 139 8.39 -16.61 -24.27
N PHE A 140 7.52 -16.32 -23.30
CA PHE A 140 6.55 -17.31 -22.83
C PHE A 140 5.83 -17.96 -24.00
N ARG A 141 5.18 -17.13 -24.83
CA ARG A 141 4.43 -17.63 -25.98
C ARG A 141 5.26 -18.63 -26.81
N GLU A 142 6.49 -18.25 -27.14
CA GLU A 142 7.34 -19.10 -27.97
C GLU A 142 7.53 -20.48 -27.35
N ARG A 143 7.88 -20.54 -26.06
CA ARG A 143 8.00 -21.83 -25.39
C ARG A 143 6.71 -22.63 -25.52
N ARG A 145 4.46 -22.42 -27.77
CA ARG A 145 4.44 -22.88 -29.15
C ARG A 145 5.17 -24.21 -29.28
N ARG A 146 6.42 -24.26 -28.83
CA ARG A 146 7.17 -25.52 -28.80
C ARG A 146 6.40 -26.60 -28.07
N GLY A 147 5.82 -26.26 -26.92
CA GLY A 147 4.94 -27.19 -26.21
C GLY A 147 3.88 -27.79 -27.10
N ILE A 148 3.16 -26.92 -27.84
CA ILE A 148 2.13 -27.40 -28.77
C ILE A 148 2.71 -28.38 -29.77
N ALA A 149 3.94 -28.12 -30.23
CA ALA A 149 4.60 -29.03 -31.16
C ALA A 149 5.06 -30.30 -30.46
N ASP A 150 5.45 -30.20 -29.19
CA ASP A 150 5.94 -31.35 -28.45
C ASP A 150 4.83 -32.27 -27.97
N GLY A 151 3.58 -31.80 -27.97
CA GLY A 151 2.46 -32.60 -27.51
C GLY A 151 2.05 -32.36 -26.07
N ASP A 152 2.82 -31.60 -25.31
CA ASP A 152 2.50 -31.33 -23.91
C ASP A 152 1.51 -30.18 -23.74
N LEU A 153 1.13 -29.51 -24.82
CA LEU A 153 0.15 -28.43 -24.79
C LEU A 153 -0.88 -28.66 -25.89
N ALA A 154 -2.13 -28.33 -25.60
CA ALA A 154 -3.19 -28.47 -26.59
C ALA A 154 -2.95 -27.53 -27.76
N ALA A 155 -3.36 -27.99 -28.95
CA ALA A 155 -3.09 -27.24 -30.16
C ALA A 155 -3.88 -25.94 -30.23
N ASP A 156 -5.06 -25.89 -29.62
CA ASP A 156 -5.92 -24.73 -29.71
C ASP A 156 -5.83 -23.81 -28.49
N THR A 157 -4.83 -23.99 -27.63
CA THR A 157 -4.69 -23.12 -26.47
C THR A 157 -4.31 -21.72 -26.92
N ASP A 158 -4.90 -20.72 -26.26
CA ASP A 158 -4.61 -19.32 -26.57
C ASP A 158 -3.24 -18.97 -26.00
N GLU A 160 -1.14 -16.51 -26.34
CA GLU A 160 -0.88 -15.17 -25.85
C GLU A 160 -1.63 -14.86 -24.57
N GLU A 161 -2.76 -15.53 -24.32
CA GLU A 161 -3.47 -15.35 -23.06
C GLU A 161 -2.66 -15.90 -21.90
N LEU A 162 -2.18 -17.14 -22.04
CA LEU A 162 -1.33 -17.72 -21.00
C LEU A 162 -0.05 -16.94 -20.83
N ALA A 163 0.57 -16.53 -21.95
CA ALA A 163 1.80 -15.75 -21.87
C ALA A 163 1.57 -14.42 -21.16
N THR A 164 0.48 -13.73 -21.49
CA THR A 164 0.16 -12.48 -20.81
C THR A 164 -0.12 -12.70 -19.33
N PHE A 165 -0.82 -13.80 -19.01
CA PHE A 165 -1.12 -14.08 -17.61
C PHE A 165 0.17 -14.31 -16.81
N TYR A 166 1.07 -15.15 -17.32
CA TYR A 166 2.28 -15.44 -16.56
C TYR A 166 3.25 -14.26 -16.57
N ALA A 167 3.22 -13.43 -17.61
CA ALA A 167 3.97 -12.19 -17.58
C ALA A 167 3.39 -11.23 -16.56
N THR A 168 2.06 -11.22 -16.42
CA THR A 168 1.42 -10.43 -15.38
C THR A 168 1.89 -10.89 -14.00
N VAL A 169 1.94 -12.21 -13.77
CA VAL A 169 2.44 -12.72 -12.50
C VAL A 169 3.89 -12.32 -12.30
N LEU A 170 4.67 -12.29 -13.39
CA LEU A 170 6.08 -11.91 -13.30
C LEU A 170 6.22 -10.45 -12.86
N PHE A 171 5.51 -9.54 -13.53
CA PHE A 171 5.57 -8.13 -13.15
C PHE A 171 5.10 -7.92 -11.71
N GLY A 172 4.01 -8.59 -11.32
CA GLY A 172 3.56 -8.53 -9.94
C GLY A 172 4.60 -9.03 -8.95
N LEU A 173 5.38 -10.04 -9.34
CA LEU A 173 6.42 -10.55 -8.46
C LEU A 173 7.55 -9.54 -8.25
N SER A 174 7.91 -8.78 -9.30
CA SER A 174 8.84 -7.67 -9.10
C SER A 174 8.34 -6.71 -8.04
N VAL A 175 7.07 -6.28 -8.14
CA VAL A 175 6.53 -5.35 -7.16
C VAL A 175 6.55 -5.96 -5.77
N GLN A 176 6.19 -7.25 -5.66
CA GLN A 176 6.16 -7.89 -4.35
C GLN A 176 7.57 -8.06 -3.79
N ALA A 177 8.55 -8.38 -4.64
CA ALA A 177 9.92 -8.52 -4.16
C ALA A 177 10.50 -7.19 -3.73
N LYS A 178 10.11 -6.09 -4.39
CA LYS A 178 10.50 -4.76 -3.93
C LYS A 178 9.93 -4.47 -2.54
N ASP A 179 8.75 -5.00 -2.25
CA ASP A 179 8.10 -4.84 -0.95
C ASP A 179 8.65 -5.80 0.10
N ARG A 180 9.68 -6.58 -0.23
CA ARG A 180 10.36 -7.47 0.71
C ARG A 180 9.44 -8.58 1.21
N VAL A 181 8.57 -9.07 0.33
CA VAL A 181 7.76 -10.24 0.68
C VAL A 181 8.66 -11.46 0.77
N PRO A 182 8.53 -12.29 1.81
CA PRO A 182 9.45 -13.43 1.97
C PRO A 182 9.46 -14.35 0.76
N ARG A 183 10.61 -15.00 0.55
CA ARG A 183 10.77 -15.88 -0.61
C ARG A 183 9.79 -17.04 -0.56
N GLU A 184 9.55 -17.58 0.63
CA GLU A 184 8.64 -18.72 0.78
C GLU A 184 7.25 -18.37 0.26
N ARG A 185 6.72 -17.20 0.66
CA ARG A 185 5.39 -16.82 0.21
C ARG A 185 5.36 -16.51 -1.28
N LEU A 186 6.46 -15.98 -1.83
CA LEU A 186 6.49 -15.74 -3.28
C LEU A 186 6.54 -17.05 -4.06
N LEU A 187 7.24 -18.05 -3.53
CA LEU A 187 7.22 -19.37 -4.16
C LEU A 187 5.83 -19.99 -4.08
N ALA A 188 5.14 -19.79 -2.95
CA ALA A 188 3.75 -20.22 -2.85
C ALA A 188 2.88 -19.56 -3.90
N VAL A 189 3.11 -18.27 -4.16
CA VAL A 189 2.38 -17.56 -5.21
C VAL A 189 2.67 -18.18 -6.57
N VAL A 190 3.92 -18.59 -6.81
CA VAL A 190 4.27 -19.21 -8.08
C VAL A 190 3.52 -20.52 -8.28
N GLU A 191 3.48 -21.35 -7.24
CA GLU A 191 2.74 -22.61 -7.35
C GLU A 191 1.25 -22.37 -7.53
N ARG A 192 0.70 -21.39 -6.81
CA ARG A 192 -0.69 -21.01 -6.99
C ARG A 192 -0.97 -20.56 -8.42
N ALA A 193 -0.05 -19.81 -9.02
CA ALA A 193 -0.22 -19.36 -10.39
C ALA A 193 -0.13 -20.52 -11.37
N LEU A 194 0.75 -21.48 -11.10
CA LEU A 194 0.82 -22.68 -11.93
C LEU A 194 -0.47 -23.49 -11.87
N ARG A 195 -1.20 -23.42 -10.74
CA ARG A 195 -2.49 -24.08 -10.65
C ARG A 195 -3.46 -23.63 -11.73
N ALA A 196 -3.27 -22.42 -12.26
CA ALA A 196 -4.17 -21.90 -13.29
C ALA A 196 -3.84 -22.44 -14.68
N TRP A 197 -2.83 -23.30 -14.81
CA TRP A 197 -2.48 -23.84 -16.11
C TRP A 197 -3.59 -24.75 -16.63
N PRO A 198 -3.87 -24.74 -17.94
CA PRO A 198 -4.87 -25.64 -18.53
C PRO A 198 -4.32 -27.06 -18.70
N ARG B 8 -8.38 37.68 3.17
CA ARG B 8 -8.57 37.44 1.74
C ARG B 8 -9.03 36.01 1.49
N PRO B 9 -10.07 35.85 0.67
CA PRO B 9 -10.52 34.50 0.31
C PRO B 9 -9.54 33.84 -0.64
N ARG B 10 -9.35 32.53 -0.47
CA ARG B 10 -8.48 31.78 -1.34
C ARG B 10 -9.13 31.57 -2.71
N ALA B 11 -8.33 31.70 -3.76
CA ALA B 11 -8.83 31.70 -5.13
C ALA B 11 -8.84 30.31 -5.76
N PHE B 12 -8.75 29.25 -4.97
CA PHE B 12 -8.78 27.90 -5.51
C PHE B 12 -9.45 26.97 -4.50
N ASP B 13 -10.17 25.98 -5.02
CA ASP B 13 -10.77 24.97 -4.17
C ASP B 13 -9.75 23.88 -3.88
N ARG B 14 -9.66 23.47 -2.61
CA ARG B 14 -8.60 22.55 -2.21
C ARG B 14 -8.79 21.18 -2.86
N ASP B 15 -10.03 20.71 -2.96
CA ASP B 15 -10.27 19.37 -3.48
C ASP B 15 -9.98 19.30 -4.98
N THR B 16 -10.36 20.34 -5.72
CA THR B 16 -10.07 20.35 -7.16
C THR B 16 -8.57 20.48 -7.42
N ALA B 17 -7.88 21.29 -6.62
CA ALA B 17 -6.42 21.38 -6.74
C ALA B 17 -5.78 20.03 -6.43
N LEU B 18 -6.29 19.32 -5.42
CA LEU B 18 -5.78 17.99 -5.13
C LEU B 18 -6.06 17.04 -6.29
N GLN B 19 -7.22 17.17 -6.94
CA GLN B 19 -7.53 16.37 -8.11
C GLN B 19 -6.48 16.55 -9.20
N ARG B 20 -6.19 17.81 -9.56
CA ARG B 20 -5.20 18.09 -10.59
C ARG B 20 -3.82 17.59 -10.17
N ALA B 21 -3.44 17.82 -8.90
CA ALA B 21 -2.13 17.39 -8.42
C ALA B 21 -2.00 15.88 -8.46
N ASP B 23 -3.54 13.85 -10.52
CA ASP B 23 -3.40 13.48 -11.92
C ASP B 23 -1.95 13.60 -12.37
N VAL B 24 -1.27 14.69 -12.02
CA VAL B 24 0.13 14.85 -12.36
C VAL B 24 0.96 13.72 -11.74
N PHE B 25 0.69 13.41 -10.48
CA PHE B 25 1.38 12.30 -9.82
C PHE B 25 1.05 10.97 -10.47
N TRP B 26 -0.19 10.82 -10.97
CA TRP B 26 -0.60 9.56 -11.58
C TRP B 26 0.16 9.30 -12.88
N VAL B 27 0.44 10.36 -13.64
CA VAL B 27 1.14 10.20 -14.91
C VAL B 27 2.66 10.21 -14.73
N ARG B 28 3.18 11.06 -13.84
CA ARG B 28 4.61 11.27 -13.72
C ARG B 28 5.23 10.64 -12.47
N GLY B 29 4.44 10.15 -11.53
CA GLY B 29 4.99 9.64 -10.29
C GLY B 29 5.31 10.77 -9.32
N TYR B 30 5.89 10.39 -8.18
CA TYR B 30 6.15 11.36 -7.12
C TYR B 30 7.28 12.30 -7.49
N GLU B 31 8.47 11.77 -7.73
CA GLU B 31 9.60 12.62 -8.05
C GLU B 31 9.57 13.12 -9.49
N GLY B 32 8.93 12.37 -10.39
CA GLY B 32 8.84 12.81 -11.77
C GLY B 32 7.93 14.01 -11.97
N ALA B 33 7.01 14.26 -11.05
CA ALA B 33 6.11 15.40 -11.12
C ALA B 33 6.83 16.60 -10.49
N SER B 34 7.23 17.54 -11.34
CA SER B 34 7.91 18.75 -10.88
C SER B 34 6.91 19.76 -10.35
N LEU B 35 7.43 20.72 -9.59
CA LEU B 35 6.57 21.79 -9.09
C LEU B 35 6.00 22.63 -10.22
N ALA B 36 6.73 22.75 -11.33
CA ALA B 36 6.20 23.47 -12.49
C ALA B 36 4.97 22.77 -13.03
N ALA B 37 5.07 21.46 -13.28
CA ALA B 37 3.92 20.72 -13.80
C ALA B 37 2.79 20.68 -12.80
N LEU B 38 3.11 20.60 -11.50
CA LEU B 38 2.08 20.59 -10.47
C LEU B 38 1.34 21.92 -10.41
N THR B 39 2.09 23.03 -10.30
CA THR B 39 1.46 24.33 -10.15
C THR B 39 0.70 24.74 -11.40
N GLU B 40 1.20 24.37 -12.59
CA GLU B 40 0.49 24.73 -13.81
C GLU B 40 -0.81 23.96 -13.97
N ALA B 41 -0.87 22.73 -13.44
CA ALA B 41 -2.12 21.97 -13.51
C ALA B 41 -3.11 22.42 -12.45
N GLU B 43 -3.17 25.28 -11.32
CA GLU B 43 -3.42 26.69 -11.66
C GLU B 43 -3.21 27.61 -10.46
N ILE B 44 -2.23 27.28 -9.63
CA ILE B 44 -1.86 28.09 -8.48
C ILE B 44 -0.36 28.38 -8.53
N ARG B 45 0.11 29.15 -7.57
CA ARG B 45 1.50 29.56 -7.46
C ARG B 45 2.20 28.83 -6.32
N PRO B 46 3.52 28.74 -6.36
CA PRO B 46 4.25 27.95 -5.35
C PRO B 46 3.98 28.42 -3.92
N PRO B 47 3.92 29.74 -3.65
CA PRO B 47 3.62 30.14 -2.26
C PRO B 47 2.27 29.64 -1.78
N SER B 48 1.25 29.64 -2.64
CA SER B 48 -0.05 29.12 -2.25
C SER B 48 0.01 27.62 -1.96
N LEU B 49 0.68 26.87 -2.85
CA LEU B 49 0.81 25.43 -2.65
C LEU B 49 1.50 25.10 -1.33
N TYR B 50 2.57 25.83 -0.99
CA TYR B 50 3.29 25.58 0.24
C TYR B 50 2.59 26.11 1.49
N ALA B 51 1.67 27.07 1.33
CA ALA B 51 0.86 27.47 2.48
C ALA B 51 -0.24 26.47 2.78
N ALA B 52 -0.74 25.78 1.77
CA ALA B 52 -1.82 24.82 1.97
C ALA B 52 -1.32 23.43 2.36
N PHE B 53 -0.23 22.99 1.72
CA PHE B 53 0.30 21.66 1.93
C PHE B 53 1.66 21.54 2.59
N GLY B 54 2.44 22.59 2.57
CA GLY B 54 3.67 22.61 3.32
C GLY B 54 4.88 22.04 2.63
N SER B 55 4.70 21.09 1.73
CA SER B 55 5.83 20.53 1.03
C SER B 55 5.41 19.58 -0.02
N LYS B 56 6.22 19.43 -1.04
CA LYS B 56 5.87 18.51 -2.12
C LYS B 56 5.45 17.16 -1.56
N GLU B 57 6.16 16.67 -0.53
CA GLU B 57 5.78 15.40 0.09
C GLU B 57 4.42 15.51 0.75
N GLY B 58 4.15 16.63 1.41
CA GLY B 58 2.82 16.85 1.98
C GLY B 58 1.73 16.89 0.93
N LEU B 59 2.01 17.54 -0.21
CA LEU B 59 1.05 17.54 -1.31
C LEU B 59 0.77 16.13 -1.80
N PHE B 60 1.80 15.29 -1.89
CA PHE B 60 1.60 13.93 -2.37
C PHE B 60 0.81 13.10 -1.36
N ARG B 61 1.04 13.33 -0.05
CA ARG B 61 0.27 12.60 0.95
C ARG B 61 -1.20 12.99 0.90
N GLU B 62 -1.49 14.29 0.76
CA GLU B 62 -2.88 14.71 0.61
C GLU B 62 -3.49 14.14 -0.67
N ALA B 63 -2.74 14.16 -1.77
CA ALA B 63 -3.24 13.61 -3.02
C ALA B 63 -3.44 12.11 -2.94
N LEU B 64 -2.60 11.41 -2.16
CA LEU B 64 -2.75 9.97 -2.01
C LEU B 64 -3.97 9.63 -1.17
N ALA B 65 -4.21 10.40 -0.11
CA ALA B 65 -5.43 10.23 0.67
C ALA B 65 -6.66 10.49 -0.18
N HIS B 66 -6.62 11.54 -1.00
CA HIS B 66 -7.74 11.85 -1.88
C HIS B 66 -7.95 10.75 -2.91
N TYR B 67 -6.85 10.25 -3.49
CA TYR B 67 -6.95 9.18 -4.46
C TYR B 67 -7.47 7.89 -3.86
N LEU B 68 -7.16 7.63 -2.58
CA LEU B 68 -7.68 6.43 -1.92
C LEU B 68 -9.15 6.58 -1.54
N GLY B 69 -9.58 7.79 -1.18
CA GLY B 69 -10.99 8.02 -0.94
C GLY B 69 -11.83 8.02 -2.20
N GLN B 70 -11.21 8.23 -3.36
CA GLN B 70 -11.90 8.28 -4.65
C GLN B 70 -11.81 6.98 -5.42
N HIS B 71 -10.63 6.35 -5.47
CA HIS B 71 -10.42 5.13 -6.26
C HIS B 71 -10.03 3.94 -5.40
N GLY B 72 -10.23 4.02 -4.09
CA GLY B 72 -9.89 2.90 -3.22
C GLY B 72 -11.05 2.51 -2.33
N ARG B 73 -12.09 3.35 -2.29
CA ARG B 73 -13.27 3.04 -1.49
C ARG B 73 -14.10 1.92 -2.10
N TYR B 74 -14.07 1.78 -3.43
CA TYR B 74 -14.90 0.79 -4.08
C TYR B 74 -14.36 -0.63 -3.89
N ARG B 75 -13.08 -0.77 -3.58
CA ARG B 75 -12.49 -2.11 -3.43
C ARG B 75 -13.19 -2.87 -2.32
N ARG B 76 -13.17 -2.33 -1.10
CA ARG B 76 -13.79 -3.00 0.03
C ARG B 76 -15.29 -3.15 -0.16
N ASP B 77 -15.92 -2.18 -0.82
CA ASP B 77 -17.37 -2.26 -1.04
C ASP B 77 -17.73 -3.39 -2.01
N VAL B 78 -16.96 -3.55 -3.09
CA VAL B 78 -17.23 -4.65 -4.02
C VAL B 78 -16.88 -6.00 -3.40
N LEU B 79 -15.85 -6.04 -2.56
CA LEU B 79 -15.49 -7.28 -1.89
C LEU B 79 -16.57 -7.72 -0.92
N ASP B 80 -17.04 -6.80 -0.07
CA ASP B 80 -18.06 -7.13 0.91
C ASP B 80 -19.45 -7.26 0.32
N GLY B 81 -19.67 -6.74 -0.90
CA GLY B 81 -20.96 -6.80 -1.54
C GLY B 81 -21.25 -8.04 -2.34
N ALA B 82 -20.35 -9.02 -2.32
CA ALA B 82 -20.54 -10.25 -3.08
C ALA B 82 -20.88 -11.40 -2.14
N PRO B 83 -21.70 -12.36 -2.60
CA PRO B 83 -22.10 -13.45 -1.71
C PRO B 83 -20.98 -14.39 -1.31
N SER B 84 -19.97 -14.55 -2.16
CA SER B 84 -18.85 -15.44 -1.89
C SER B 84 -17.54 -14.70 -2.08
N ALA B 85 -16.49 -15.20 -1.41
CA ALA B 85 -15.17 -14.60 -1.54
C ALA B 85 -14.66 -14.72 -2.97
N ARG B 86 -14.99 -15.82 -3.65
CA ARG B 86 -14.56 -15.99 -5.03
C ARG B 86 -15.17 -14.91 -5.92
N GLU B 87 -16.49 -14.71 -5.82
CA GLU B 87 -17.12 -13.66 -6.62
C GLU B 87 -16.67 -12.28 -6.19
N GLY B 88 -16.34 -12.11 -4.90
CA GLY B 88 -15.79 -10.83 -4.46
C GLY B 88 -14.48 -10.50 -5.15
N VAL B 89 -13.53 -11.44 -5.11
CA VAL B 89 -12.25 -11.23 -5.80
C VAL B 89 -12.49 -11.07 -7.30
N ALA B 90 -13.39 -11.87 -7.86
CA ALA B 90 -13.64 -11.82 -9.30
C ALA B 90 -14.17 -10.45 -9.71
N GLU B 91 -15.23 -9.98 -9.06
CA GLU B 91 -15.80 -8.68 -9.41
C GLU B 91 -14.83 -7.55 -9.12
N LEU B 92 -14.06 -7.65 -8.04
CA LEU B 92 -13.03 -6.66 -7.76
C LEU B 92 -12.03 -6.56 -8.90
N LEU B 93 -11.50 -7.69 -9.35
CA LEU B 93 -10.51 -7.68 -10.43
C LEU B 93 -11.12 -7.18 -11.73
N ARG B 94 -12.38 -7.57 -12.01
CA ARG B 94 -13.02 -7.14 -13.25
C ARG B 94 -13.25 -5.63 -13.24
N GLU B 95 -13.78 -5.10 -12.13
CA GLU B 95 -13.94 -3.65 -12.00
C GLU B 95 -12.61 -2.93 -12.15
N THR B 96 -11.57 -3.45 -11.48
CA THR B 96 -10.27 -2.79 -11.52
C THR B 96 -9.72 -2.75 -12.94
N VAL B 97 -9.92 -3.82 -13.71
CA VAL B 97 -9.52 -3.82 -15.11
C VAL B 97 -10.33 -2.79 -15.88
N ALA B 98 -11.64 -2.72 -15.61
CA ALA B 98 -12.48 -1.74 -16.30
C ALA B 98 -11.99 -0.32 -16.06
N ARG B 99 -11.50 -0.03 -14.84
CA ARG B 99 -10.97 1.30 -14.58
C ARG B 99 -9.60 1.47 -15.20
N PHE B 100 -8.78 0.41 -15.19
CA PHE B 100 -7.42 0.52 -15.70
C PHE B 100 -7.41 0.78 -17.20
N THR B 101 -8.44 0.34 -17.91
CA THR B 101 -8.50 0.47 -19.36
C THR B 101 -9.44 1.58 -19.83
N SER B 102 -10.08 2.29 -18.92
CA SER B 102 -10.92 3.41 -19.32
C SER B 102 -10.06 4.62 -19.66
N ASP B 103 -10.63 5.51 -20.47
CA ASP B 103 -9.94 6.72 -20.88
C ASP B 103 -10.24 7.92 -19.98
N GLU B 104 -11.10 7.73 -18.97
CA GLU B 104 -11.37 8.81 -18.01
C GLU B 104 -10.29 8.93 -16.94
N PHE B 105 -9.54 7.85 -16.69
CA PHE B 105 -8.51 7.84 -15.68
C PHE B 105 -7.19 7.40 -16.31
N PRO B 106 -6.06 7.82 -15.75
CA PRO B 106 -4.78 7.28 -16.21
C PRO B 106 -4.74 5.77 -15.98
N ARG B 107 -4.16 5.06 -16.94
CA ARG B 107 -4.13 3.61 -16.88
C ARG B 107 -3.17 3.13 -15.79
N GLY B 108 -3.59 2.13 -15.04
CA GLY B 108 -2.82 1.60 -13.94
C GLY B 108 -3.15 2.28 -12.62
N CYS B 109 -2.75 1.62 -11.54
CA CYS B 109 -3.00 2.11 -10.19
C CYS B 109 -1.89 3.07 -9.77
N LEU B 110 -2.28 4.18 -9.14
CA LEU B 110 -1.31 5.17 -8.71
C LEU B 110 -0.39 4.62 -7.63
N VAL B 111 -0.90 3.75 -6.75
CA VAL B 111 -0.11 3.21 -5.66
C VAL B 111 1.05 2.37 -6.19
N VAL B 112 0.88 1.75 -7.35
CA VAL B 112 1.92 0.90 -7.92
C VAL B 112 2.87 1.69 -8.81
N LEU B 113 2.36 2.67 -9.54
CA LEU B 113 3.15 3.36 -10.57
C LEU B 113 3.88 4.59 -10.05
N ALA B 114 3.44 5.19 -8.93
CA ALA B 114 3.95 6.50 -8.55
C ALA B 114 5.43 6.44 -8.14
N ALA B 115 5.80 5.48 -7.30
CA ALA B 115 7.19 5.43 -6.82
C ALA B 115 7.55 3.99 -6.41
N LEU B 116 8.12 3.24 -7.35
CA LEU B 116 8.72 1.95 -7.02
C LEU B 116 10.21 2.07 -6.70
N THR B 117 10.91 2.92 -7.44
CA THR B 117 12.31 3.24 -7.21
C THR B 117 12.46 4.75 -7.14
N GLY B 118 13.68 5.22 -6.91
CA GLY B 118 13.94 6.63 -6.86
C GLY B 118 15.15 6.94 -5.98
N THR B 119 15.34 8.24 -5.75
CA THR B 119 16.45 8.70 -4.93
C THR B 119 16.20 8.34 -3.46
N PRO B 120 17.27 8.21 -2.67
CA PRO B 120 17.08 7.98 -1.22
C PRO B 120 16.26 9.06 -0.56
N GLU B 121 16.35 10.30 -1.02
CA GLU B 121 15.64 11.41 -0.39
C GLU B 121 14.13 11.18 -0.33
N SER B 122 13.59 10.36 -1.22
CA SER B 122 12.16 10.11 -1.30
C SER B 122 11.74 8.80 -0.63
N GLU B 123 12.65 8.16 0.11
CA GLU B 123 12.38 6.88 0.79
C GLU B 123 11.02 6.85 1.47
N ALA B 124 10.67 7.93 2.17
CA ALA B 124 9.39 8.02 2.87
C ALA B 124 8.23 7.71 1.92
N VAL B 125 8.11 8.50 0.85
CA VAL B 125 7.02 8.33 -0.11
C VAL B 125 6.91 6.87 -0.55
N ARG B 126 8.01 6.30 -1.04
CA ARG B 126 8.02 4.91 -1.47
C ARG B 126 7.45 3.99 -0.40
N ASP B 127 8.02 4.05 0.82
CA ASP B 127 7.56 3.20 1.91
C ASP B 127 6.06 3.38 2.14
N ALA B 128 5.58 4.62 2.11
CA ALA B 128 4.15 4.89 2.24
C ALA B 128 3.35 4.05 1.24
N LEU B 129 3.69 4.19 -0.04
CA LEU B 129 3.02 3.42 -1.09
C LEU B 129 3.10 1.93 -0.81
N SER B 130 4.28 1.45 -0.40
CA SER B 130 4.45 0.04 -0.06
C SER B 130 3.42 -0.38 0.98
N ALA B 131 3.29 0.41 2.06
CA ALA B 131 2.28 0.13 3.08
C ALA B 131 0.90 -0.03 2.45
N GLU B 132 0.53 0.91 1.57
CA GLU B 132 -0.78 0.82 0.92
C GLU B 132 -0.91 -0.48 0.12
N ARG B 133 0.16 -0.88 -0.57
CA ARG B 133 0.13 -2.15 -1.29
C ARG B 133 -0.16 -3.30 -0.33
N GLY B 134 0.46 -3.28 0.85
CA GLY B 134 0.14 -4.27 1.87
C GLY B 134 -1.34 -4.32 2.18
N GLU B 135 -1.97 -3.16 2.32
CA GLU B 135 -3.41 -3.10 2.59
C GLU B 135 -4.21 -3.87 1.55
N SER B 136 -3.80 -3.77 0.28
CA SER B 136 -4.43 -4.56 -0.78
C SER B 136 -4.49 -6.03 -0.39
N ILE B 137 -3.34 -6.62 -0.03
CA ILE B 137 -3.31 -7.99 0.44
C ILE B 137 -4.31 -8.18 1.59
N ARG B 138 -4.26 -7.28 2.57
CA ARG B 138 -5.19 -7.32 3.69
C ARG B 138 -6.63 -7.35 3.19
N LEU B 139 -6.96 -6.46 2.26
CA LEU B 139 -8.33 -6.39 1.73
C LEU B 139 -8.77 -7.74 1.17
N PHE B 140 -7.86 -8.46 0.52
CA PHE B 140 -8.17 -9.82 0.11
C PHE B 140 -8.31 -10.73 1.32
N ARG B 141 -7.28 -10.75 2.18
CA ARG B 141 -7.26 -11.67 3.31
C ARG B 141 -8.55 -11.59 4.12
N GLU B 142 -8.90 -10.38 4.57
CA GLU B 142 -10.12 -10.17 5.36
C GLU B 142 -11.33 -10.79 4.69
N ARG B 143 -11.55 -10.50 3.40
CA ARG B 143 -12.70 -11.07 2.70
C ARG B 143 -12.68 -12.59 2.78
N ARG B 145 -11.32 -14.44 5.00
CA ARG B 145 -11.71 -14.78 6.36
C ARG B 145 -13.22 -14.91 6.47
N ARG B 146 -13.96 -13.90 5.98
CA ARG B 146 -15.41 -13.99 5.92
C ARG B 146 -15.85 -15.19 5.11
N GLY B 147 -15.18 -15.44 3.97
CA GLY B 147 -15.48 -16.62 3.18
C GLY B 147 -15.34 -17.91 3.96
N ILE B 148 -14.43 -17.94 4.94
CA ILE B 148 -14.30 -19.13 5.78
C ILE B 148 -15.49 -19.25 6.71
N ALA B 149 -15.97 -18.13 7.24
CA ALA B 149 -17.10 -18.16 8.16
C ALA B 149 -18.40 -18.45 7.41
N ASP B 150 -18.57 -17.87 6.23
CA ASP B 150 -19.78 -18.09 5.46
C ASP B 150 -19.87 -19.50 4.90
N GLY B 151 -18.74 -20.21 4.83
CA GLY B 151 -18.73 -21.58 4.37
C GLY B 151 -18.36 -21.77 2.92
N ASP B 152 -18.12 -20.69 2.17
CA ASP B 152 -17.75 -20.80 0.76
C ASP B 152 -16.25 -20.98 0.56
N LEU B 153 -15.47 -21.01 1.62
CA LEU B 153 -14.04 -21.25 1.56
C LEU B 153 -13.67 -22.30 2.59
N ALA B 154 -12.79 -23.22 2.21
CA ALA B 154 -12.38 -24.28 3.13
C ALA B 154 -11.65 -23.69 4.33
N ALA B 155 -11.81 -24.35 5.47
CA ALA B 155 -11.19 -23.86 6.70
C ALA B 155 -9.67 -23.93 6.63
N ASP B 156 -9.13 -24.94 5.96
CA ASP B 156 -7.69 -25.13 5.85
C ASP B 156 -7.10 -24.37 4.66
N THR B 157 -7.85 -23.44 4.08
CA THR B 157 -7.36 -22.70 2.92
C THR B 157 -6.17 -21.83 3.32
N ASP B 158 -5.09 -21.89 2.53
CA ASP B 158 -3.93 -21.05 2.76
C ASP B 158 -4.32 -19.66 2.27
N GLU B 160 -3.10 -16.58 3.14
CA GLU B 160 -2.03 -15.63 2.83
C GLU B 160 -1.43 -15.91 1.45
N GLU B 161 -1.37 -17.17 1.04
CA GLU B 161 -0.91 -17.49 -0.31
C GLU B 161 -1.91 -16.99 -1.34
N LEU B 162 -3.20 -17.17 -1.08
CA LEU B 162 -4.22 -16.77 -2.04
C LEU B 162 -4.33 -15.26 -2.14
N ALA B 163 -4.34 -14.58 -0.99
CA ALA B 163 -4.39 -13.11 -1.00
C ALA B 163 -3.17 -12.53 -1.68
N THR B 164 -1.98 -13.04 -1.37
CA THR B 164 -0.77 -12.56 -2.02
C THR B 164 -0.78 -12.84 -3.52
N PHE B 165 -1.34 -14.00 -3.91
CA PHE B 165 -1.40 -14.32 -5.33
C PHE B 165 -2.28 -13.33 -6.09
N TYR B 166 -3.47 -13.02 -5.55
CA TYR B 166 -4.35 -12.11 -6.27
C TYR B 166 -3.85 -10.68 -6.19
N ALA B 167 -3.14 -10.33 -5.11
CA ALA B 167 -2.49 -9.02 -5.05
C ALA B 167 -1.36 -8.93 -6.06
N THR B 168 -0.62 -10.04 -6.26
CA THR B 168 0.39 -10.10 -7.31
C THR B 168 -0.23 -9.86 -8.67
N VAL B 169 -1.35 -10.52 -8.95
CA VAL B 169 -2.05 -10.31 -10.22
C VAL B 169 -2.51 -8.87 -10.35
N LEU B 170 -2.96 -8.29 -9.23
CA LEU B 170 -3.42 -6.91 -9.25
C LEU B 170 -2.29 -5.95 -9.61
N PHE B 171 -1.15 -6.08 -8.94
CA PHE B 171 -0.01 -5.21 -9.24
C PHE B 171 0.46 -5.41 -10.67
N GLY B 172 0.54 -6.67 -11.12
CA GLY B 172 0.88 -6.94 -12.51
C GLY B 172 -0.09 -6.34 -13.50
N LEU B 173 -1.37 -6.30 -13.15
CA LEU B 173 -2.37 -5.68 -14.02
C LEU B 173 -2.14 -4.18 -14.17
N SER B 174 -1.75 -3.51 -13.09
CA SER B 174 -1.37 -2.11 -13.19
C SER B 174 -0.23 -1.92 -14.19
N VAL B 175 0.81 -2.73 -14.08
CA VAL B 175 1.95 -2.63 -15.00
C VAL B 175 1.50 -2.88 -16.44
N GLN B 176 0.62 -3.89 -16.63
CA GLN B 176 0.16 -4.22 -17.97
C GLN B 176 -0.72 -3.11 -18.55
N ALA B 177 -1.58 -2.51 -17.71
CA ALA B 177 -2.39 -1.40 -18.18
C ALA B 177 -1.53 -0.20 -18.59
N LYS B 178 -0.39 0.01 -17.92
CA LYS B 178 0.54 1.04 -18.35
C LYS B 178 1.11 0.74 -19.73
N ASP B 179 1.28 -0.54 -20.06
CA ASP B 179 1.84 -0.96 -21.34
C ASP B 179 0.80 -1.02 -22.45
N ARG B 180 -0.38 -0.43 -22.24
CA ARG B 180 -1.42 -0.33 -23.26
C ARG B 180 -1.92 -1.70 -23.72
N VAL B 181 -1.97 -2.65 -22.78
CA VAL B 181 -2.57 -3.95 -23.08
C VAL B 181 -4.08 -3.79 -23.19
N PRO B 182 -4.72 -4.31 -24.23
CA PRO B 182 -6.18 -4.13 -24.40
C PRO B 182 -6.96 -4.67 -23.21
N ARG B 183 -8.18 -4.17 -23.08
CA ARG B 183 -9.06 -4.55 -21.98
C ARG B 183 -9.43 -6.02 -22.05
N GLU B 184 -9.69 -6.53 -23.26
CA GLU B 184 -10.07 -7.93 -23.41
C GLU B 184 -8.97 -8.85 -22.93
N ARG B 185 -7.72 -8.53 -23.27
CA ARG B 185 -6.59 -9.34 -22.81
C ARG B 185 -6.52 -9.36 -21.29
N LEU B 186 -6.72 -8.20 -20.65
CA LEU B 186 -6.65 -8.13 -19.20
C LEU B 186 -7.82 -8.86 -18.54
N LEU B 187 -9.00 -8.81 -19.17
CA LEU B 187 -10.13 -9.57 -18.63
C LEU B 187 -9.87 -11.08 -18.73
N ALA B 188 -9.24 -11.51 -19.83
CA ALA B 188 -8.82 -12.90 -19.94
C ALA B 188 -7.82 -13.26 -18.85
N VAL B 189 -6.90 -12.34 -18.55
CA VAL B 189 -5.93 -12.58 -17.48
C VAL B 189 -6.65 -12.76 -16.15
N VAL B 190 -7.68 -11.96 -15.88
CA VAL B 190 -8.42 -12.09 -14.63
C VAL B 190 -9.13 -13.43 -14.56
N GLU B 191 -9.86 -13.80 -15.62
CA GLU B 191 -10.55 -15.08 -15.62
C GLU B 191 -9.58 -16.25 -15.52
N ARG B 192 -8.38 -16.10 -16.06
CA ARG B 192 -7.35 -17.12 -15.89
C ARG B 192 -6.88 -17.18 -14.45
N ALA B 193 -6.67 -16.02 -13.81
CA ALA B 193 -6.23 -16.00 -12.43
C ALA B 193 -7.27 -16.62 -11.49
N LEU B 194 -8.55 -16.56 -11.87
CA LEU B 194 -9.59 -17.19 -11.07
C LEU B 194 -9.52 -18.71 -11.14
N ARG B 195 -8.88 -19.26 -12.17
CA ARG B 195 -8.77 -20.71 -12.24
C ARG B 195 -7.87 -21.27 -11.15
N ALA B 196 -6.98 -20.43 -10.60
CA ALA B 196 -6.14 -20.85 -9.49
C ALA B 196 -6.89 -20.95 -8.17
N TRP B 197 -8.15 -20.53 -8.14
CA TRP B 197 -8.90 -20.56 -6.89
C TRP B 197 -9.11 -22.00 -6.43
N PRO B 198 -8.98 -22.29 -5.13
CA PRO B 198 -9.17 -23.64 -4.60
C PRO B 198 -10.65 -24.04 -4.59
N PHE E 12 10.20 18.32 20.23
CA PHE E 12 8.79 18.53 20.52
C PHE E 12 8.14 17.25 21.02
N ASP E 13 7.55 17.32 22.21
CA ASP E 13 6.82 16.17 22.73
C ASP E 13 5.49 16.01 21.99
N ARG E 14 5.17 14.79 21.59
CA ARG E 14 4.00 14.56 20.75
C ARG E 14 2.71 14.85 21.51
N ASP E 15 2.66 14.50 22.80
CA ASP E 15 1.44 14.70 23.57
C ASP E 15 1.14 16.17 23.79
N THR E 16 2.18 16.97 24.05
CA THR E 16 1.97 18.40 24.23
C THR E 16 1.45 19.05 22.94
N ALA E 17 2.05 18.70 21.80
CA ALA E 17 1.58 19.23 20.52
C ALA E 17 0.15 18.77 20.23
N LEU E 18 -0.19 17.52 20.60
CA LEU E 18 -1.56 17.06 20.43
C LEU E 18 -2.52 17.86 21.30
N GLN E 19 -2.08 18.21 22.52
CA GLN E 19 -2.88 19.08 23.37
C GLN E 19 -3.09 20.44 22.74
N ARG E 20 -2.05 20.99 22.12
CA ARG E 20 -2.16 22.33 21.55
C ARG E 20 -2.99 22.33 20.28
N ALA E 21 -2.89 21.26 19.47
CA ALA E 21 -3.53 21.26 18.16
C ALA E 21 -5.04 21.02 18.25
N ASP E 23 -7.20 22.32 20.24
CA ASP E 23 -7.89 23.60 20.38
C ASP E 23 -8.14 24.28 19.04
N VAL E 24 -7.33 23.96 18.02
CA VAL E 24 -7.54 24.56 16.70
C VAL E 24 -8.67 23.86 15.97
N PHE E 25 -8.81 22.54 16.15
CA PHE E 25 -9.87 21.81 15.47
C PHE E 25 -11.23 22.15 16.05
N TRP E 26 -11.32 22.36 17.36
CA TRP E 26 -12.59 22.64 18.01
C TRP E 26 -13.08 24.06 17.79
N VAL E 27 -12.28 24.93 17.19
CA VAL E 27 -12.67 26.33 16.99
C VAL E 27 -12.91 26.61 15.52
N ARG E 28 -11.84 26.54 14.72
CA ARG E 28 -11.92 26.89 13.31
C ARG E 28 -12.57 25.82 12.46
N GLY E 29 -12.97 24.69 13.04
CA GLY E 29 -13.54 23.60 12.26
C GLY E 29 -12.51 22.84 11.47
N TYR E 30 -12.81 21.60 11.08
CA TYR E 30 -11.84 20.81 10.34
C TYR E 30 -11.66 21.31 8.92
N GLU E 31 -12.76 21.65 8.24
CA GLU E 31 -12.66 22.18 6.88
C GLU E 31 -11.92 23.52 6.85
N GLY E 32 -12.03 24.31 7.92
CA GLY E 32 -11.35 25.58 8.00
C GLY E 32 -10.06 25.51 8.78
N ALA E 33 -9.55 24.29 9.00
CA ALA E 33 -8.30 24.09 9.73
C ALA E 33 -7.14 24.15 8.74
N SER E 34 -6.80 25.37 8.33
CA SER E 34 -5.72 25.57 7.37
C SER E 34 -4.38 25.18 8.00
N LEU E 35 -3.49 24.62 7.16
CA LEU E 35 -2.19 24.21 7.65
C LEU E 35 -1.36 25.40 8.12
N ALA E 36 -1.58 26.58 7.54
CA ALA E 36 -0.87 27.78 7.99
C ALA E 36 -1.25 28.11 9.43
N ALA E 37 -2.53 27.96 9.78
CA ALA E 37 -3.00 28.18 11.14
C ALA E 37 -2.95 26.92 12.00
N LEU E 38 -2.54 25.79 11.43
CA LEU E 38 -2.45 24.54 12.17
C LEU E 38 -1.04 24.31 12.73
N THR E 39 -0.03 24.53 11.90
CA THR E 39 1.36 24.46 12.37
C THR E 39 1.75 25.66 13.22
N GLU E 40 0.96 26.73 13.21
CA GLU E 40 1.27 27.89 14.03
C GLU E 40 1.11 27.59 15.50
N ALA E 41 0.01 26.92 15.87
CA ALA E 41 -0.25 26.60 17.27
C ALA E 41 0.50 25.36 17.75
N GLU E 43 3.69 24.89 17.12
CA GLU E 43 5.07 25.35 17.30
C GLU E 43 6.06 24.51 16.50
N ILE E 44 5.59 23.92 15.39
CA ILE E 44 6.44 23.15 14.49
C ILE E 44 6.13 23.60 13.07
N ARG E 45 6.95 23.12 12.15
CA ARG E 45 6.78 23.40 10.73
C ARG E 45 6.16 22.21 10.00
N PRO E 46 5.50 22.45 8.87
CA PRO E 46 4.81 21.37 8.16
C PRO E 46 5.75 20.22 7.76
N PRO E 47 7.01 20.52 7.36
CA PRO E 47 7.90 19.37 7.11
C PRO E 47 8.04 18.39 8.28
N SER E 48 7.88 18.85 9.51
CA SER E 48 7.85 17.96 10.66
C SER E 48 6.46 17.40 10.92
N LEU E 49 5.43 18.16 10.58
CA LEU E 49 4.05 17.69 10.77
C LEU E 49 3.75 16.47 9.91
N TYR E 50 4.10 16.54 8.64
CA TYR E 50 3.88 15.44 7.72
C TYR E 50 4.78 14.28 8.10
N ALA E 51 6.01 14.60 8.48
CA ALA E 51 6.96 13.61 8.96
C ALA E 51 6.41 12.93 10.20
N ALA E 52 5.31 13.47 10.73
CA ALA E 52 4.68 12.92 11.91
C ALA E 52 3.36 12.22 11.64
N PHE E 53 2.34 12.99 11.27
CA PHE E 53 0.99 12.48 11.17
C PHE E 53 0.55 12.16 9.76
N GLY E 54 1.32 12.61 8.79
CA GLY E 54 1.08 12.22 7.42
C GLY E 54 -0.08 12.85 6.69
N SER E 55 -0.95 13.57 7.40
CA SER E 55 -2.07 14.22 6.73
C SER E 55 -3.00 14.93 7.70
N LYS E 56 -3.67 15.95 7.20
CA LYS E 56 -4.59 16.62 8.11
C LYS E 56 -5.55 15.62 8.75
N GLU E 57 -5.96 14.60 8.00
CA GLU E 57 -6.76 13.53 8.57
C GLU E 57 -5.96 12.76 9.63
N GLY E 58 -4.67 12.55 9.37
CA GLY E 58 -3.84 11.87 10.37
C GLY E 58 -3.77 12.63 11.67
N LEU E 59 -3.40 13.92 11.59
CA LEU E 59 -3.36 14.77 12.77
C LEU E 59 -4.71 14.79 13.49
N PHE E 60 -5.80 14.94 12.73
CA PHE E 60 -7.13 15.00 13.34
C PHE E 60 -7.45 13.72 14.08
N ARG E 61 -7.29 12.59 13.39
CA ARG E 61 -7.59 11.36 14.06
C ARG E 61 -6.72 11.24 15.30
N GLU E 62 -5.43 11.45 15.19
CA GLU E 62 -4.50 11.17 16.27
C GLU E 62 -4.75 12.07 17.48
N ALA E 63 -5.18 13.31 17.25
CA ALA E 63 -5.50 14.20 18.35
C ALA E 63 -6.88 13.92 18.94
N LEU E 64 -7.82 13.40 18.14
CA LEU E 64 -9.16 13.13 18.64
C LEU E 64 -9.11 12.11 19.78
N ALA E 65 -8.52 10.95 19.51
CA ALA E 65 -8.40 9.92 20.55
C ALA E 65 -7.53 10.39 21.71
N HIS E 66 -6.58 11.29 21.48
CA HIS E 66 -5.79 11.84 22.58
C HIS E 66 -6.66 12.68 23.52
N TYR E 67 -7.43 13.61 22.95
CA TYR E 67 -8.34 14.39 23.79
C TYR E 67 -9.37 13.48 24.47
N LEU E 68 -9.78 12.40 23.81
CA LEU E 68 -10.72 11.48 24.43
C LEU E 68 -10.08 10.73 25.60
N GLY E 69 -8.82 10.30 25.44
CA GLY E 69 -8.10 9.64 26.50
C GLY E 69 -7.72 10.56 27.65
N GLN E 70 -7.73 11.87 27.41
CA GLN E 70 -7.58 12.81 28.53
C GLN E 70 -8.56 12.50 29.65
N HIS E 71 -9.82 12.23 29.29
CA HIS E 71 -10.82 11.86 30.28
C HIS E 71 -10.69 10.42 30.75
N GLY E 72 -9.69 9.69 30.27
CA GLY E 72 -9.45 8.33 30.72
C GLY E 72 -8.60 8.27 31.97
N ARG E 73 -7.90 9.36 32.25
CA ARG E 73 -7.11 9.45 33.45
C ARG E 73 -7.97 9.37 34.69
N TYR E 74 -9.01 10.21 34.69
CA TYR E 74 -9.93 10.24 35.82
C TYR E 74 -10.64 8.89 35.89
N ARG E 75 -10.88 8.25 34.73
CA ARG E 75 -11.55 6.95 34.70
C ARG E 75 -10.66 5.88 35.33
N ARG E 76 -9.35 5.97 35.14
CA ARG E 76 -8.43 4.98 35.70
C ARG E 76 -8.10 5.23 37.17
N ASP E 77 -8.07 6.49 37.59
CA ASP E 77 -7.79 6.79 38.99
C ASP E 77 -8.86 6.21 39.90
N VAL E 78 -10.11 6.18 39.44
CA VAL E 78 -11.17 5.50 40.20
C VAL E 78 -11.00 3.99 40.15
N LEU E 79 -10.36 3.47 39.10
CA LEU E 79 -10.16 2.03 38.99
C LEU E 79 -9.08 1.51 39.92
N ASP E 80 -7.98 2.25 40.05
CA ASP E 80 -6.82 1.73 40.77
C ASP E 80 -7.11 1.58 42.26
N GLY E 81 -7.60 2.65 42.90
CA GLY E 81 -7.85 2.61 44.33
C GLY E 81 -9.11 1.89 44.72
N ALA E 82 -9.22 0.61 44.34
CA ALA E 82 -10.42 -0.17 44.59
C ALA E 82 -10.09 -1.40 45.42
N PRO E 83 -11.02 -1.85 46.27
CA PRO E 83 -10.73 -3.03 47.09
C PRO E 83 -10.78 -4.33 46.31
N SER E 84 -11.79 -4.48 45.45
CA SER E 84 -11.95 -5.71 44.69
C SER E 84 -12.20 -5.42 43.22
N ALA E 85 -12.70 -6.41 42.50
CA ALA E 85 -12.96 -6.28 41.07
C ALA E 85 -14.36 -5.73 40.75
N ARG E 86 -15.37 -6.31 41.38
CA ARG E 86 -16.75 -5.88 41.14
C ARG E 86 -17.05 -4.55 41.84
N GLU E 87 -16.44 -4.33 43.01
CA GLU E 87 -16.65 -3.06 43.70
C GLU E 87 -15.94 -1.91 43.00
N GLY E 88 -14.80 -2.17 42.39
CA GLY E 88 -14.15 -1.15 41.59
C GLY E 88 -14.97 -0.74 40.39
N VAL E 89 -15.52 -1.73 39.67
CA VAL E 89 -16.43 -1.44 38.56
C VAL E 89 -17.67 -0.70 39.05
N ALA E 90 -18.13 -1.05 40.25
CA ALA E 90 -19.25 -0.34 40.86
C ALA E 90 -18.93 1.14 41.04
N GLU E 91 -17.81 1.43 41.70
CA GLU E 91 -17.41 2.82 41.92
C GLU E 91 -17.17 3.54 40.61
N LEU E 92 -16.63 2.86 39.59
CA LEU E 92 -16.43 3.51 38.30
C LEU E 92 -17.76 3.87 37.66
N LEU E 93 -18.70 2.91 37.61
CA LEU E 93 -20.00 3.19 37.00
C LEU E 93 -20.75 4.26 37.76
N ARG E 94 -20.59 4.33 39.09
CA ARG E 94 -21.26 5.36 39.86
C ARG E 94 -20.60 6.71 39.72
N GLU E 95 -19.28 6.75 39.47
CA GLU E 95 -18.60 8.02 39.29
C GLU E 95 -18.93 8.65 37.95
N THR E 96 -19.33 7.85 36.95
CA THR E 96 -19.69 8.42 35.65
C THR E 96 -20.98 9.22 35.70
N VAL E 97 -21.80 9.00 36.73
CA VAL E 97 -23.06 9.72 36.89
C VAL E 97 -22.83 10.99 37.69
N GLU E 121 -14.56 12.84 6.56
CA GLU E 121 -15.07 13.88 7.47
C GLU E 121 -15.48 13.29 8.81
N SER E 122 -16.70 12.78 8.89
CA SER E 122 -17.22 12.23 10.14
C SER E 122 -16.76 10.80 10.39
N GLU E 123 -16.23 10.12 9.36
CA GLU E 123 -15.71 8.78 9.55
C GLU E 123 -14.57 8.77 10.57
N ALA E 124 -13.75 9.82 10.57
CA ALA E 124 -12.67 9.93 11.56
C ALA E 124 -13.22 9.99 12.98
N VAL E 125 -14.25 10.81 13.20
CA VAL E 125 -14.83 10.95 14.54
C VAL E 125 -15.51 9.65 14.95
N ARG E 126 -16.21 9.00 14.02
CA ARG E 126 -16.81 7.70 14.33
C ARG E 126 -15.75 6.69 14.74
N ASP E 127 -14.63 6.64 14.02
CA ASP E 127 -13.55 5.72 14.36
C ASP E 127 -12.95 6.07 15.72
N ALA E 128 -12.77 7.36 16.01
CA ALA E 128 -12.28 7.77 17.32
C ALA E 128 -13.18 7.23 18.43
N LEU E 129 -14.48 7.49 18.29
CA LEU E 129 -15.45 7.05 19.30
C LEU E 129 -15.45 5.54 19.47
N SER E 130 -15.44 4.83 18.35
CA SER E 130 -15.45 3.35 18.37
C SER E 130 -14.20 2.81 19.04
N ALA E 131 -13.04 3.38 18.71
CA ALA E 131 -11.80 2.93 19.32
C ALA E 131 -11.79 3.20 20.82
N GLU E 132 -12.24 4.38 21.22
CA GLU E 132 -12.22 4.72 22.65
C GLU E 132 -13.14 3.80 23.45
N ARG E 133 -14.31 3.46 22.91
CA ARG E 133 -15.23 2.60 23.65
C ARG E 133 -14.74 1.15 23.67
N GLY E 134 -14.30 0.63 22.52
CA GLY E 134 -13.69 -0.68 22.51
C GLY E 134 -12.47 -0.77 23.40
N GLU E 135 -11.80 0.36 23.65
CA GLU E 135 -10.72 0.38 24.62
C GLU E 135 -11.23 0.39 26.06
N SER E 136 -12.37 1.04 26.30
CA SER E 136 -12.99 0.94 27.63
C SER E 136 -13.30 -0.52 27.98
N ILE E 137 -13.71 -1.30 26.98
CA ILE E 137 -13.96 -2.73 27.21
C ILE E 137 -12.71 -3.40 27.80
N ARG E 138 -11.59 -3.31 27.08
CA ARG E 138 -10.35 -3.91 27.58
C ARG E 138 -9.86 -3.24 28.87
N LEU E 139 -10.27 -1.99 29.12
CA LEU E 139 -9.96 -1.35 30.39
C LEU E 139 -10.66 -2.05 31.54
N PHE E 140 -11.91 -2.46 31.34
CA PHE E 140 -12.56 -3.35 32.31
C PHE E 140 -11.79 -4.65 32.44
N ARG E 141 -11.38 -5.23 31.31
CA ARG E 141 -10.62 -6.48 31.34
C ARG E 141 -9.36 -6.38 32.19
N GLU E 142 -8.70 -5.22 32.18
CA GLU E 142 -7.47 -5.04 32.95
C GLU E 142 -7.76 -5.12 34.45
N ARG E 143 -8.80 -4.41 34.91
CA ARG E 143 -9.20 -4.54 36.31
C ARG E 143 -9.56 -5.98 36.65
N ARG E 145 -8.13 -8.69 35.30
CA ARG E 145 -6.83 -9.32 35.50
C ARG E 145 -6.28 -9.03 36.90
N ARG E 146 -6.33 -7.75 37.30
CA ARG E 146 -5.83 -7.38 38.62
C ARG E 146 -6.62 -8.07 39.73
N GLY E 147 -7.94 -8.18 39.56
CA GLY E 147 -8.76 -8.84 40.57
C GLY E 147 -8.46 -10.32 40.69
N ILE E 148 -8.17 -10.98 39.56
CA ILE E 148 -7.70 -12.36 39.63
C ILE E 148 -6.38 -12.43 40.39
N ALA E 149 -5.49 -11.47 40.13
CA ALA E 149 -4.23 -11.42 40.86
C ALA E 149 -4.45 -11.19 42.35
N ASP E 150 -5.57 -10.57 42.74
CA ASP E 150 -5.88 -10.31 44.14
C ASP E 150 -6.90 -11.28 44.72
N GLY E 151 -7.24 -12.35 43.99
CA GLY E 151 -8.21 -13.30 44.50
C GLY E 151 -9.64 -12.81 44.55
N ASP E 152 -9.94 -11.70 43.87
CA ASP E 152 -11.29 -11.16 43.85
C ASP E 152 -12.20 -11.87 42.85
N LEU E 153 -11.62 -12.53 41.86
CA LEU E 153 -12.38 -13.22 40.82
C LEU E 153 -12.04 -14.69 40.79
N ALA E 154 -12.77 -15.45 39.98
CA ALA E 154 -12.55 -16.87 39.82
C ALA E 154 -11.59 -17.10 38.66
N ALA E 155 -11.39 -18.36 38.29
CA ALA E 155 -10.45 -18.73 37.23
C ALA E 155 -10.99 -18.80 35.82
N ASP E 156 -12.05 -19.58 35.59
CA ASP E 156 -12.61 -19.76 34.26
C ASP E 156 -13.65 -18.69 33.96
N THR E 157 -13.84 -17.70 34.84
CA THR E 157 -14.75 -16.61 34.55
C THR E 157 -14.17 -15.89 33.33
N ASP E 158 -14.97 -15.81 32.26
CA ASP E 158 -14.51 -15.20 31.01
C ASP E 158 -14.48 -13.69 31.22
N GLU E 160 -13.20 -11.42 29.19
CA GLU E 160 -13.43 -10.67 27.98
C GLU E 160 -14.92 -10.45 27.73
N GLU E 161 -15.76 -11.43 28.12
CA GLU E 161 -17.20 -11.32 27.92
C GLU E 161 -17.84 -10.43 28.99
N LEU E 162 -17.46 -10.64 30.25
CA LEU E 162 -18.01 -9.84 31.34
C LEU E 162 -17.68 -8.35 31.16
N ALA E 163 -16.46 -8.07 30.70
CA ALA E 163 -16.09 -6.69 30.40
C ALA E 163 -16.96 -6.11 29.28
N THR E 164 -17.21 -6.91 28.24
CA THR E 164 -18.10 -6.47 27.17
C THR E 164 -19.48 -6.12 27.71
N PHE E 165 -20.03 -6.97 28.57
CA PHE E 165 -21.36 -6.71 29.14
C PHE E 165 -21.36 -5.44 29.98
N TYR E 166 -20.37 -5.26 30.86
CA TYR E 166 -20.39 -4.07 31.69
C TYR E 166 -20.10 -2.81 30.88
N ALA E 167 -19.31 -2.91 29.81
CA ALA E 167 -19.15 -1.78 28.91
C ALA E 167 -20.45 -1.44 28.19
N THR E 168 -21.22 -2.47 27.80
CA THR E 168 -22.56 -2.23 27.25
C THR E 168 -23.39 -1.43 28.24
N VAL E 169 -23.37 -1.85 29.51
CA VAL E 169 -24.11 -1.12 30.55
C VAL E 169 -23.65 0.33 30.63
N LEU E 170 -22.33 0.54 30.66
CA LEU E 170 -21.78 1.89 30.77
C LEU E 170 -22.23 2.78 29.62
N PHE E 171 -22.15 2.27 28.38
CA PHE E 171 -22.50 3.10 27.22
C PHE E 171 -23.99 3.38 27.18
N GLY E 172 -24.82 2.37 27.46
CA GLY E 172 -26.25 2.61 27.52
C GLY E 172 -26.64 3.61 28.59
N LEU E 173 -25.90 3.62 29.71
CA LEU E 173 -26.16 4.63 30.73
C LEU E 173 -25.68 6.00 30.28
N SER E 174 -24.58 6.06 29.53
CA SER E 174 -24.13 7.33 28.98
C SER E 174 -25.15 7.90 28.00
N VAL E 175 -25.88 7.05 27.29
CA VAL E 175 -26.92 7.54 26.38
C VAL E 175 -27.98 8.31 27.16
N GLN E 176 -28.44 7.74 28.28
CA GLN E 176 -29.53 8.33 29.04
C GLN E 176 -29.08 9.48 29.95
N ALA E 177 -27.81 9.84 29.96
CA ALA E 177 -27.36 11.01 30.71
C ALA E 177 -27.92 12.30 30.14
N LYS E 178 -28.40 12.27 28.89
CA LYS E 178 -29.00 13.43 28.25
C LYS E 178 -30.52 13.41 28.23
N ASP E 179 -31.15 12.28 28.54
CA ASP E 179 -32.60 12.14 28.49
C ASP E 179 -33.25 12.65 29.77
N ARG E 180 -32.50 13.39 30.61
CA ARG E 180 -33.02 14.01 31.83
C ARG E 180 -33.45 12.94 32.82
N VAL E 181 -32.83 11.76 32.76
CA VAL E 181 -33.13 10.71 33.75
C VAL E 181 -32.57 11.14 35.11
N PRO E 182 -33.35 11.07 36.18
CA PRO E 182 -32.85 11.53 37.48
C PRO E 182 -31.64 10.72 37.93
N ARG E 183 -30.84 11.34 38.80
CA ARG E 183 -29.58 10.73 39.20
C ARG E 183 -29.80 9.47 40.04
N GLU E 184 -30.82 9.48 40.90
CA GLU E 184 -31.07 8.31 41.73
C GLU E 184 -31.54 7.12 40.90
N ARG E 185 -32.31 7.36 39.84
CA ARG E 185 -32.72 6.27 38.96
C ARG E 185 -31.51 5.63 38.28
N LEU E 186 -30.57 6.44 37.77
CA LEU E 186 -29.37 5.88 37.16
C LEU E 186 -28.51 5.16 38.19
N LEU E 187 -28.43 5.69 39.41
CA LEU E 187 -27.66 5.01 40.46
C LEU E 187 -28.30 3.68 40.82
N ALA E 188 -29.64 3.62 40.83
CA ALA E 188 -30.33 2.35 41.05
C ALA E 188 -30.08 1.38 39.92
N VAL E 189 -30.07 1.88 38.67
CA VAL E 189 -29.73 1.04 37.53
C VAL E 189 -28.35 0.43 37.71
N VAL E 190 -27.38 1.25 38.16
CA VAL E 190 -26.03 0.74 38.39
C VAL E 190 -26.03 -0.32 39.49
N GLU E 191 -26.66 -0.02 40.62
CA GLU E 191 -26.62 -0.93 41.77
C GLU E 191 -27.28 -2.27 41.48
N ARG E 192 -28.35 -2.29 40.68
CA ARG E 192 -28.99 -3.55 40.33
C ARG E 192 -28.37 -4.20 39.10
N ALA E 193 -27.53 -3.47 38.36
CA ALA E 193 -26.67 -4.09 37.34
C ALA E 193 -25.51 -4.80 38.01
N LEU E 194 -25.19 -4.39 39.22
CA LEU E 194 -24.07 -4.99 39.97
C LEU E 194 -24.48 -6.39 40.44
N ARG E 195 -25.70 -6.79 40.12
CA ARG E 195 -26.21 -8.10 40.51
C ARG E 195 -26.12 -9.14 39.41
N ALA E 196 -25.33 -8.86 38.38
CA ALA E 196 -25.16 -9.77 37.26
C ALA E 196 -23.74 -10.31 37.19
#